data_8Q3A
#
_entry.id   8Q3A
#
_cell.length_a   40.060
_cell.length_b   103.530
_cell.length_c   42.080
_cell.angle_alpha   90.000
_cell.angle_beta   105.070
_cell.angle_gamma   90.000
#
_symmetry.space_group_name_H-M   'P 1 21 1'
#
loop_
_entity.id
_entity.type
_entity.pdbx_description
1 polymer 'YTH domain-containing protein 1'
2 non-polymer 3-[[2-chloranyl-6-(methylamino)purin-9-yl]methyl]benzamide
3 non-polymer 'SULFATE ION'
4 water water
#
_entity_poly.entity_id   1
_entity_poly.type   'polypeptide(L)'
_entity_poly.pdbx_seq_one_letter_code
;GTSKLKYVLQDARFFLIKSNNHENVSLAKAKGVWSTLPVNEKKLNLAFRSARSVILIFSVRESGKFQGFARLSSESHHGG
SPIHWVLPAGMSAKMLGGVFKIDWICRRELPFTKSAHLTNPWNEHKPVKIGRDGQEIELECGTQLCLLFPPDESIDLYQV
IHKMRH
;
_entity_poly.pdbx_strand_id   A,B
#
loop_
_chem_comp.id
_chem_comp.type
_chem_comp.name
_chem_comp.formula
IYQ non-polymer 3-[[2-chloranyl-6-(methylamino)purin-9-yl]methyl]benzamide 'C14 H13 Cl N6 O'
SO4 non-polymer 'SULFATE ION' 'O4 S -2'
#
# COMPACT_ATOMS: atom_id res chain seq x y z
N GLY A 1 4.52 -1.23 5.13
CA GLY A 1 3.67 -1.29 6.31
C GLY A 1 2.31 -1.89 6.01
N THR A 2 1.36 -1.71 6.93
CA THR A 2 0.01 -2.23 6.77
C THR A 2 -1.07 -1.16 6.79
N SER A 3 -0.70 0.13 6.82
CA SER A 3 -1.71 1.18 6.96
C SER A 3 -2.58 1.27 5.71
N LYS A 4 -1.96 1.25 4.52
CA LYS A 4 -2.76 1.31 3.31
C LYS A 4 -3.63 0.06 3.16
N LEU A 5 -3.10 -1.11 3.55
CA LEU A 5 -3.91 -2.33 3.51
C LEU A 5 -5.15 -2.19 4.40
N LYS A 6 -4.96 -1.71 5.63
CA LYS A 6 -6.10 -1.52 6.52
C LYS A 6 -7.10 -0.55 5.91
N TYR A 7 -6.61 0.49 5.22
CA TYR A 7 -7.52 1.46 4.62
C TYR A 7 -8.35 0.77 3.54
N VAL A 8 -7.72 -0.09 2.73
CA VAL A 8 -8.45 -0.78 1.67
C VAL A 8 -9.50 -1.71 2.25
N LEU A 9 -9.17 -2.39 3.37
CA LEU A 9 -10.08 -3.34 4.00
C LEU A 9 -11.18 -2.67 4.81
N GLN A 10 -11.10 -1.36 5.01
CA GLN A 10 -12.10 -0.63 5.77
C GLN A 10 -13.47 -0.83 5.16
N ASP A 11 -14.41 -1.33 5.97
CA ASP A 11 -15.81 -1.51 5.55
C ASP A 11 -15.94 -2.37 4.30
N ALA A 12 -14.95 -3.22 4.06
CA ALA A 12 -15.02 -4.10 2.90
C ALA A 12 -15.97 -5.28 3.15
N ARG A 13 -16.37 -5.90 2.05
CA ARG A 13 -16.98 -7.22 2.10
C ARG A 13 -16.01 -8.28 1.61
N PHE A 14 -16.15 -9.49 2.13
CA PHE A 14 -15.20 -10.57 1.89
C PHE A 14 -15.97 -11.80 1.43
N PHE A 15 -15.45 -12.50 0.43
CA PHE A 15 -16.02 -13.73 -0.09
C PHE A 15 -14.95 -14.77 -0.29
N LEU A 16 -15.20 -15.98 0.17
CA LEU A 16 -14.31 -17.11 -0.05
C LEU A 16 -14.51 -17.64 -1.46
N ILE A 17 -13.41 -17.83 -2.19
CA ILE A 17 -13.44 -18.41 -3.53
C ILE A 17 -12.74 -19.74 -3.46
N LYS A 18 -13.42 -20.81 -3.85
CA LYS A 18 -12.85 -22.14 -3.85
C LYS A 18 -12.64 -22.55 -5.30
N SER A 19 -11.40 -22.81 -5.69
CA SER A 19 -11.10 -23.26 -7.04
C SER A 19 -10.71 -24.72 -6.99
N ASN A 20 -11.17 -25.48 -7.99
CA ASN A 20 -10.83 -26.90 -8.05
C ASN A 20 -9.40 -27.18 -8.45
N ASN A 21 -8.71 -26.22 -9.07
CA ASN A 21 -7.35 -26.46 -9.54
C ASN A 21 -6.51 -25.21 -9.41
N HIS A 22 -5.19 -25.42 -9.40
CA HIS A 22 -4.24 -24.31 -9.26
C HIS A 22 -4.14 -23.52 -10.55
N GLU A 23 -4.36 -24.17 -11.69
CA GLU A 23 -4.16 -23.51 -12.98
C GLU A 23 -5.01 -22.27 -13.13
N ASN A 24 -6.27 -22.33 -12.67
CA ASN A 24 -7.12 -21.15 -12.82
C ASN A 24 -6.71 -20.03 -11.88
N VAL A 25 -6.22 -20.37 -10.68
CA VAL A 25 -5.75 -19.33 -9.78
C VAL A 25 -4.48 -18.69 -10.34
N SER A 26 -3.60 -19.50 -10.93
CA SER A 26 -2.43 -18.95 -11.60
C SER A 26 -2.84 -18.02 -12.73
N LEU A 27 -3.81 -18.44 -13.55
CA LEU A 27 -4.31 -17.61 -14.64
C LEU A 27 -4.90 -16.31 -14.09
N ALA A 28 -5.59 -16.38 -12.96
CA ALA A 28 -6.21 -15.18 -12.39
C ALA A 28 -5.15 -14.20 -11.90
N LYS A 29 -4.06 -14.71 -11.33
CA LYS A 29 -2.96 -13.87 -10.88
C LYS A 29 -2.22 -13.22 -12.03
N ALA A 30 -2.11 -13.93 -13.16
CA ALA A 30 -1.39 -13.41 -14.32
C ALA A 30 -2.20 -12.37 -15.07
N LYS A 31 -3.52 -12.57 -15.16
CA LYS A 31 -4.38 -11.78 -16.02
C LYS A 31 -5.29 -10.81 -15.26
N GLY A 32 -5.44 -10.98 -13.95
CA GLY A 32 -6.28 -10.07 -13.20
C GLY A 32 -7.76 -10.26 -13.44
N VAL A 33 -8.20 -11.52 -13.56
CA VAL A 33 -9.59 -11.84 -13.85
C VAL A 33 -10.02 -13.03 -13.00
N TRP A 34 -11.33 -13.12 -12.77
CA TRP A 34 -11.91 -14.30 -12.15
C TRP A 34 -13.30 -14.53 -12.72
N SER A 35 -13.69 -15.80 -12.78
CA SER A 35 -15.04 -16.21 -13.17
C SER A 35 -15.54 -17.26 -12.19
N THR A 36 -16.84 -17.20 -11.87
CA THR A 36 -17.46 -18.13 -10.95
C THR A 36 -18.81 -18.57 -11.52
N LEU A 37 -19.45 -19.51 -10.82
CA LEU A 37 -20.78 -19.99 -11.20
C LEU A 37 -21.84 -18.90 -11.10
N PRO A 38 -22.93 -19.03 -11.85
CA PRO A 38 -23.93 -17.95 -11.93
C PRO A 38 -24.52 -17.53 -10.59
N VAL A 39 -24.73 -18.46 -9.65
CA VAL A 39 -25.25 -18.08 -8.35
C VAL A 39 -24.31 -17.12 -7.63
N ASN A 40 -23.01 -17.40 -7.66
CA ASN A 40 -22.04 -16.51 -7.01
C ASN A 40 -21.79 -15.25 -7.81
N GLU A 41 -21.85 -15.35 -9.14
CA GLU A 41 -21.71 -14.17 -9.98
C GLU A 41 -22.75 -13.10 -9.63
N LYS A 42 -24.01 -13.52 -9.42
CA LYS A 42 -25.03 -12.55 -9.02
C LYS A 42 -24.72 -11.93 -7.66
N LYS A 43 -24.30 -12.74 -6.70
CA LYS A 43 -23.95 -12.22 -5.38
C LYS A 43 -22.82 -11.19 -5.47
N LEU A 44 -21.78 -11.48 -6.28
CA LEU A 44 -20.65 -10.56 -6.34
C LEU A 44 -21.01 -9.25 -7.03
N ASN A 45 -21.88 -9.31 -8.04
CA ASN A 45 -22.29 -8.08 -8.70
C ASN A 45 -23.06 -7.17 -7.74
N LEU A 46 -23.97 -7.75 -6.94
CA LEU A 46 -24.68 -6.98 -5.92
C LEU A 46 -23.73 -6.39 -4.89
N ALA A 47 -22.77 -7.20 -4.42
CA ALA A 47 -21.82 -6.71 -3.43
C ALA A 47 -20.96 -5.59 -4.00
N PHE A 48 -20.57 -5.69 -5.28
CA PHE A 48 -19.70 -4.68 -5.87
C PHE A 48 -20.31 -3.29 -5.80
N ARG A 49 -21.63 -3.19 -5.93
CA ARG A 49 -22.28 -1.89 -5.86
C ARG A 49 -22.45 -1.40 -4.42
N SER A 50 -22.44 -2.32 -3.46
CA SER A 50 -22.84 -2.08 -2.08
C SER A 50 -21.68 -1.70 -1.15
N ALA A 51 -20.43 -1.89 -1.59
CA ALA A 51 -19.32 -1.81 -0.66
C ALA A 51 -18.17 -1.07 -1.34
N ARG A 52 -17.43 -0.33 -0.52
CA ARG A 52 -16.26 0.39 -1.01
C ARG A 52 -15.19 -0.56 -1.55
N SER A 53 -15.11 -1.78 -1.02
CA SER A 53 -14.21 -2.81 -1.53
C SER A 53 -14.89 -4.15 -1.36
N VAL A 54 -14.80 -4.99 -2.39
CA VAL A 54 -15.19 -6.40 -2.31
C VAL A 54 -13.94 -7.23 -2.50
N ILE A 55 -13.64 -8.06 -1.52
CA ILE A 55 -12.39 -8.81 -1.45
C ILE A 55 -12.71 -10.28 -1.69
N LEU A 56 -12.02 -10.89 -2.65
CA LEU A 56 -12.07 -12.32 -2.89
C LEU A 56 -10.83 -12.94 -2.24
N ILE A 57 -11.04 -13.96 -1.40
CA ILE A 57 -9.95 -14.69 -0.75
C ILE A 57 -9.93 -16.10 -1.35
N PHE A 58 -8.83 -16.47 -1.99
CA PHE A 58 -8.80 -17.66 -2.84
C PHE A 58 -8.22 -18.85 -2.10
N SER A 59 -8.84 -20.02 -2.29
CA SER A 59 -8.27 -21.27 -1.79
C SER A 59 -8.49 -22.37 -2.82
N VAL A 60 -7.39 -23.00 -3.24
CA VAL A 60 -7.45 -24.16 -4.12
C VAL A 60 -7.83 -25.39 -3.33
N ARG A 61 -8.83 -26.12 -3.80
CA ARG A 61 -9.32 -27.29 -3.07
C ARG A 61 -8.22 -28.33 -2.93
N GLU A 62 -8.11 -28.89 -1.72
CA GLU A 62 -7.13 -29.88 -1.28
C GLU A 62 -5.73 -29.31 -1.06
N SER A 63 -5.51 -28.01 -1.29
CA SER A 63 -4.19 -27.43 -1.07
C SER A 63 -3.89 -27.19 0.40
N GLY A 64 -4.92 -27.09 1.25
CA GLY A 64 -4.68 -26.75 2.65
C GLY A 64 -4.21 -25.34 2.90
N LYS A 65 -4.41 -24.44 1.92
CA LYS A 65 -3.93 -23.07 2.04
C LYS A 65 -4.88 -22.13 1.32
N PHE A 66 -4.76 -20.86 1.64
CA PHE A 66 -5.24 -19.79 0.78
C PHE A 66 -4.10 -19.35 -0.12
N GLN A 67 -4.43 -18.94 -1.36
CA GLN A 67 -3.38 -18.54 -2.30
C GLN A 67 -3.26 -17.03 -2.48
N GLY A 68 -4.04 -16.24 -1.77
CA GLY A 68 -3.96 -14.81 -1.88
C GLY A 68 -5.34 -14.18 -1.81
N PHE A 69 -5.38 -12.86 -1.97
CA PHE A 69 -6.63 -12.14 -2.03
C PHE A 69 -6.55 -10.94 -2.96
N ALA A 70 -7.71 -10.53 -3.46
CA ALA A 70 -7.79 -9.53 -4.52
C ALA A 70 -9.07 -8.73 -4.33
N ARG A 71 -9.12 -7.54 -4.91
CA ARG A 71 -10.28 -6.66 -4.83
C ARG A 71 -10.97 -6.63 -6.19
N LEU A 72 -12.29 -6.80 -6.22
CA LEU A 72 -13.02 -6.58 -7.46
C LEU A 72 -12.81 -5.15 -7.95
N SER A 73 -12.50 -5.02 -9.24
CA SER A 73 -12.47 -3.70 -9.87
C SER A 73 -13.62 -3.48 -10.84
N SER A 74 -14.44 -4.50 -11.08
CA SER A 74 -15.59 -4.36 -11.97
C SER A 74 -16.65 -5.40 -11.65
N GLU A 75 -17.87 -5.13 -12.13
CA GLU A 75 -18.89 -6.16 -12.22
C GLU A 75 -18.49 -7.16 -13.31
N SER A 76 -19.18 -8.30 -13.36
CA SER A 76 -18.89 -9.29 -14.38
C SER A 76 -19.27 -8.74 -15.75
N HIS A 77 -18.45 -9.07 -16.75
CA HIS A 77 -18.71 -8.65 -18.12
C HIS A 77 -18.48 -9.82 -19.06
N HIS A 78 -19.33 -9.93 -20.07
CA HIS A 78 -19.24 -10.97 -21.08
C HIS A 78 -18.76 -10.36 -22.38
N GLY A 79 -17.95 -11.10 -23.12
CA GLY A 79 -17.38 -10.55 -24.33
C GLY A 79 -15.89 -10.32 -24.20
N GLY A 80 -15.12 -11.16 -24.87
CA GLY A 80 -13.67 -11.18 -24.80
C GLY A 80 -13.19 -12.56 -25.17
N SER A 81 -11.87 -12.65 -25.44
CA SER A 81 -11.27 -13.95 -25.73
C SER A 81 -11.60 -14.86 -24.55
N PRO A 82 -12.38 -15.94 -24.76
CA PRO A 82 -12.73 -16.83 -23.65
C PRO A 82 -11.48 -17.22 -22.87
N ILE A 83 -11.44 -16.85 -21.59
CA ILE A 83 -10.30 -17.24 -20.77
C ILE A 83 -10.16 -18.75 -20.80
N HIS A 84 -8.93 -19.21 -21.00
CA HIS A 84 -8.65 -20.63 -21.15
C HIS A 84 -8.59 -21.32 -19.79
N TRP A 85 -9.68 -21.18 -19.04
CA TRP A 85 -9.80 -21.89 -17.77
C TRP A 85 -9.66 -23.38 -18.01
N VAL A 86 -9.05 -24.06 -17.05
CA VAL A 86 -9.06 -25.52 -17.01
C VAL A 86 -10.36 -25.94 -16.34
N LEU A 87 -11.25 -26.55 -17.10
CA LEU A 87 -12.61 -26.79 -16.62
C LEU A 87 -12.66 -28.08 -15.83
N PRO A 88 -13.13 -28.07 -14.58
CA PRO A 88 -13.38 -29.33 -13.86
C PRO A 88 -14.44 -30.17 -14.54
N ALA A 89 -14.71 -31.34 -13.96
CA ALA A 89 -15.70 -32.27 -14.50
C ALA A 89 -17.06 -31.60 -14.65
N GLY A 90 -17.35 -31.09 -15.84
CA GLY A 90 -18.64 -30.47 -16.09
C GLY A 90 -18.69 -29.02 -15.69
N MET A 91 -17.86 -28.18 -16.33
CA MET A 91 -17.91 -26.75 -16.11
C MET A 91 -18.43 -25.99 -17.34
N SER A 92 -18.57 -26.68 -18.48
CA SER A 92 -19.32 -26.18 -19.63
C SER A 92 -18.76 -24.92 -20.28
N ALA A 93 -17.81 -24.24 -19.63
CA ALA A 93 -17.25 -22.98 -20.13
C ALA A 93 -18.28 -21.87 -20.20
N LYS A 94 -19.54 -22.21 -20.51
CA LYS A 94 -20.61 -21.22 -20.51
C LYS A 94 -21.00 -20.81 -19.10
N MET A 95 -20.77 -21.69 -18.10
CA MET A 95 -21.00 -21.30 -16.72
C MET A 95 -19.91 -20.37 -16.19
N LEU A 96 -18.70 -20.45 -16.74
CA LEU A 96 -17.61 -19.54 -16.40
C LEU A 96 -17.60 -18.29 -17.27
N GLY A 97 -18.59 -18.12 -18.14
CA GLY A 97 -18.80 -16.83 -18.77
C GLY A 97 -19.22 -15.80 -17.73
N GLY A 98 -18.81 -14.57 -17.95
CA GLY A 98 -18.92 -13.57 -16.91
C GLY A 98 -17.58 -13.40 -16.24
N VAL A 99 -16.84 -12.38 -16.64
CA VAL A 99 -15.47 -12.16 -16.20
C VAL A 99 -15.46 -10.91 -15.34
N PHE A 100 -14.99 -11.05 -14.11
CA PHE A 100 -14.71 -9.91 -13.24
C PHE A 100 -13.25 -9.54 -13.38
N LYS A 101 -12.96 -8.25 -13.41
CA LYS A 101 -11.60 -7.77 -13.26
C LYS A 101 -11.29 -7.60 -11.79
N ILE A 102 -10.08 -8.00 -11.39
CA ILE A 102 -9.64 -7.95 -10.01
C ILE A 102 -8.24 -7.35 -9.94
N ASP A 103 -7.93 -6.68 -8.83
CA ASP A 103 -6.60 -6.18 -8.51
C ASP A 103 -6.09 -6.96 -7.31
N TRP A 104 -4.98 -7.65 -7.49
CA TRP A 104 -4.45 -8.45 -6.42
C TRP A 104 -3.93 -7.54 -5.31
N ILE A 105 -4.22 -7.93 -4.08
CA ILE A 105 -3.67 -7.22 -2.92
C ILE A 105 -2.54 -8.05 -2.34
N CYS A 106 -2.65 -9.38 -2.42
CA CYS A 106 -1.62 -10.29 -1.90
C CYS A 106 -1.63 -11.55 -2.75
N ARG A 107 -0.48 -11.90 -3.35
CA ARG A 107 -0.36 -13.14 -4.11
C ARG A 107 0.37 -14.22 -3.36
N ARG A 108 0.64 -14.02 -2.06
CA ARG A 108 1.31 -14.97 -1.20
C ARG A 108 0.30 -15.93 -0.59
N GLU A 109 0.80 -17.10 -0.19
CA GLU A 109 0.01 -18.18 0.41
C GLU A 109 -0.12 -18.00 1.92
N LEU A 110 -1.20 -18.55 2.48
CA LEU A 110 -1.35 -18.67 3.92
C LEU A 110 -1.89 -20.06 4.25
N PRO A 111 -1.15 -20.88 4.99
CA PRO A 111 -1.67 -22.22 5.34
C PRO A 111 -2.84 -22.11 6.29
N PHE A 112 -3.79 -23.05 6.13
CA PHE A 112 -4.97 -23.08 7.00
C PHE A 112 -4.58 -23.18 8.48
N THR A 113 -3.42 -23.80 8.77
CA THR A 113 -3.00 -23.91 10.16
C THR A 113 -2.85 -22.54 10.83
N LYS A 114 -2.59 -21.50 10.06
CA LYS A 114 -2.41 -20.15 10.61
C LYS A 114 -3.73 -19.42 10.86
N SER A 115 -4.84 -19.90 10.31
CA SER A 115 -6.12 -19.22 10.46
C SER A 115 -7.06 -19.97 11.40
N ALA A 116 -6.55 -20.96 12.14
CA ALA A 116 -7.39 -21.84 12.93
C ALA A 116 -8.13 -21.12 14.05
N HIS A 117 -7.65 -19.95 14.47
CA HIS A 117 -8.29 -19.16 15.52
C HIS A 117 -9.37 -18.23 14.99
N LEU A 118 -9.67 -18.23 13.69
CA LEU A 118 -10.66 -17.33 13.11
C LEU A 118 -11.87 -18.14 12.68
N THR A 119 -13.04 -17.77 13.19
CA THR A 119 -14.31 -18.40 12.83
C THR A 119 -15.21 -17.37 12.15
N ASN A 120 -16.10 -17.87 11.28
CA ASN A 120 -16.92 -17.02 10.43
C ASN A 120 -18.36 -17.06 10.93
N PRO A 121 -18.88 -15.96 11.47
CA PRO A 121 -20.28 -15.97 11.95
C PRO A 121 -21.29 -16.30 10.87
N TRP A 122 -21.01 -16.00 9.61
CA TRP A 122 -21.95 -16.28 8.54
C TRP A 122 -21.89 -17.72 8.06
N ASN A 123 -21.00 -18.55 8.62
CA ASN A 123 -21.01 -20.00 8.41
C ASN A 123 -20.93 -20.72 9.76
N GLU A 124 -21.87 -20.37 10.65
CA GLU A 124 -22.09 -21.12 11.89
C GLU A 124 -20.86 -21.11 12.80
N HIS A 125 -20.00 -20.09 12.66
CA HIS A 125 -18.76 -19.99 13.44
C HIS A 125 -17.83 -21.16 13.24
N LYS A 126 -17.90 -21.77 12.06
CA LYS A 126 -16.90 -22.73 11.67
C LYS A 126 -15.62 -21.98 11.34
N PRO A 127 -14.48 -22.66 11.44
CA PRO A 127 -13.21 -22.04 11.04
C PRO A 127 -13.33 -21.47 9.63
N VAL A 128 -12.69 -20.31 9.43
CA VAL A 128 -12.89 -19.56 8.19
C VAL A 128 -12.44 -20.34 6.97
N LYS A 129 -11.50 -21.29 7.12
CA LYS A 129 -11.14 -22.14 6.00
C LYS A 129 -12.31 -22.98 5.49
N ILE A 130 -13.33 -23.21 6.33
CA ILE A 130 -14.46 -24.03 5.92
C ILE A 130 -15.51 -23.16 5.26
N GLY A 131 -15.96 -23.59 4.09
CA GLY A 131 -16.99 -22.88 3.38
C GLY A 131 -16.99 -23.26 1.92
N ARG A 132 -18.14 -23.09 1.29
CA ARG A 132 -18.32 -23.37 -0.12
C ARG A 132 -17.87 -22.15 -0.92
N ASP A 133 -17.60 -22.39 -2.21
CA ASP A 133 -17.27 -21.30 -3.11
C ASP A 133 -18.36 -20.24 -3.00
N GLY A 134 -17.93 -18.99 -2.78
CA GLY A 134 -18.84 -17.88 -2.65
C GLY A 134 -19.31 -17.56 -1.24
N GLN A 135 -18.92 -18.35 -0.25
CA GLN A 135 -19.35 -18.07 1.12
C GLN A 135 -18.88 -16.68 1.55
N GLU A 136 -19.80 -15.84 2.01
CA GLU A 136 -19.41 -14.56 2.58
C GLU A 136 -18.76 -14.71 3.96
N ILE A 137 -17.69 -13.94 4.18
CA ILE A 137 -16.99 -13.89 5.45
C ILE A 137 -17.29 -12.55 6.12
N GLU A 138 -17.74 -12.59 7.37
CA GLU A 138 -18.09 -11.37 8.10
C GLU A 138 -16.88 -10.44 8.23
N LEU A 139 -17.15 -9.13 8.32
CA LEU A 139 -16.13 -8.08 8.23
C LEU A 139 -14.94 -8.32 9.16
N GLU A 140 -15.18 -8.56 10.46
CA GLU A 140 -14.07 -8.66 11.40
C GLU A 140 -13.20 -9.88 11.13
N CYS A 141 -13.84 -11.02 10.86
CA CYS A 141 -13.08 -12.22 10.54
C CYS A 141 -12.32 -12.05 9.22
N GLY A 142 -12.97 -11.50 8.21
CA GLY A 142 -12.29 -11.28 6.93
C GLY A 142 -11.10 -10.34 7.07
N THR A 143 -11.28 -9.26 7.82
CA THR A 143 -10.17 -8.34 8.03
C THR A 143 -8.99 -9.02 8.71
N GLN A 144 -9.26 -9.76 9.80
CA GLN A 144 -8.17 -10.43 10.48
CA GLN A 144 -8.21 -10.48 10.51
C GLN A 144 -7.53 -11.50 9.59
N LEU A 145 -8.32 -12.20 8.77
CA LEU A 145 -7.74 -13.20 7.89
C LEU A 145 -6.77 -12.56 6.90
N CYS A 146 -7.20 -11.45 6.29
CA CYS A 146 -6.34 -10.77 5.32
C CYS A 146 -5.06 -10.27 5.97
N LEU A 147 -5.15 -9.79 7.22
CA LEU A 147 -3.97 -9.30 7.91
C LEU A 147 -2.99 -10.40 8.28
N LEU A 148 -3.42 -11.67 8.27
CA LEU A 148 -2.52 -12.78 8.58
C LEU A 148 -1.58 -13.12 7.43
N PHE A 149 -1.94 -12.76 6.20
CA PHE A 149 -1.10 -13.13 5.07
C PHE A 149 0.25 -12.44 5.17
N PRO A 150 1.32 -13.08 4.69
CA PRO A 150 2.59 -12.39 4.61
C PRO A 150 2.45 -11.14 3.77
N PRO A 151 3.17 -10.07 4.10
CA PRO A 151 3.15 -8.89 3.22
C PRO A 151 3.65 -9.24 1.82
N ASP A 152 2.97 -8.68 0.81
CA ASP A 152 3.39 -8.80 -0.59
C ASP A 152 4.00 -7.46 -1.01
N GLU A 153 5.32 -7.36 -0.87
CA GLU A 153 6.03 -6.12 -1.15
C GLU A 153 6.12 -5.80 -2.64
N SER A 154 5.66 -6.69 -3.52
CA SER A 154 5.62 -6.41 -4.94
C SER A 154 4.39 -5.59 -5.35
N ILE A 155 3.45 -5.35 -4.44
CA ILE A 155 2.20 -4.68 -4.76
C ILE A 155 2.21 -3.30 -4.10
N ASP A 156 1.81 -2.28 -4.86
CA ASP A 156 1.66 -0.91 -4.38
C ASP A 156 0.16 -0.64 -4.35
N LEU A 157 -0.38 -0.44 -3.14
CA LEU A 157 -1.83 -0.24 -3.00
C LEU A 157 -2.27 1.17 -3.36
N TYR A 158 -1.33 2.05 -3.72
CA TYR A 158 -1.70 3.42 -4.08
C TYR A 158 -2.74 3.45 -5.20
N GLN A 159 -2.53 2.65 -6.26
CA GLN A 159 -3.47 2.68 -7.37
C GLN A 159 -4.81 2.06 -6.99
N VAL A 160 -4.79 1.08 -6.06
CA VAL A 160 -6.03 0.46 -5.58
C VAL A 160 -6.89 1.47 -4.84
N ILE A 161 -6.27 2.24 -3.94
CA ILE A 161 -6.98 3.30 -3.23
C ILE A 161 -7.63 4.31 -4.17
N HIS A 162 -7.02 4.57 -5.32
CA HIS A 162 -7.61 5.52 -6.27
C HIS A 162 -8.84 4.94 -6.97
N LYS A 163 -8.87 3.63 -7.19
CA LYS A 163 -10.08 3.01 -7.74
C LYS A 163 -11.26 3.22 -6.83
N MET A 164 -11.03 3.14 -5.52
CA MET A 164 -11.99 3.48 -4.50
C MET A 164 -12.47 4.92 -4.61
N GLY B 1 2.29 33.56 -1.76
CA GLY B 1 3.44 33.28 -2.60
C GLY B 1 3.74 31.80 -2.71
N THR B 2 2.67 30.99 -2.77
CA THR B 2 2.79 29.55 -2.74
C THR B 2 2.68 28.90 -4.11
N SER B 3 2.63 29.69 -5.20
CA SER B 3 2.41 29.10 -6.52
C SER B 3 3.47 28.08 -6.88
N LYS B 4 4.75 28.41 -6.67
CA LYS B 4 5.81 27.46 -7.00
C LYS B 4 5.69 26.18 -6.19
N LEU B 5 5.50 26.32 -4.88
CA LEU B 5 5.43 25.13 -4.04
C LEU B 5 4.19 24.30 -4.38
N LYS B 6 3.06 24.96 -4.62
CA LYS B 6 1.86 24.23 -5.00
C LYS B 6 2.08 23.46 -6.29
N TYR B 7 2.85 24.03 -7.22
CA TYR B 7 3.15 23.33 -8.47
C TYR B 7 4.01 22.09 -8.21
N VAL B 8 5.01 22.21 -7.33
CA VAL B 8 5.85 21.07 -6.97
C VAL B 8 5.03 19.95 -6.33
N LEU B 9 3.99 20.30 -5.58
CA LEU B 9 3.25 19.31 -4.80
C LEU B 9 2.02 18.78 -5.52
N GLN B 10 1.71 19.27 -6.71
CA GLN B 10 0.56 18.76 -7.44
C GLN B 10 0.83 17.30 -7.82
N ASP B 11 -0.12 16.42 -7.54
CA ASP B 11 -0.01 15.00 -7.83
C ASP B 11 1.10 14.30 -7.05
N ALA B 12 1.57 14.88 -5.95
CA ALA B 12 2.68 14.28 -5.23
C ALA B 12 2.22 13.12 -4.35
N ARG B 13 3.16 12.22 -4.04
CA ARG B 13 3.01 11.26 -2.95
C ARG B 13 3.91 11.68 -1.78
N PHE B 14 3.48 11.39 -0.56
CA PHE B 14 4.11 11.88 0.64
C PHE B 14 4.42 10.75 1.59
N PHE B 15 5.61 10.76 2.18
CA PHE B 15 6.01 9.73 3.12
C PHE B 15 6.63 10.35 4.36
N LEU B 16 6.19 9.90 5.53
CA LEU B 16 6.83 10.27 6.78
C LEU B 16 8.14 9.51 6.91
N ILE B 17 9.20 10.22 7.30
CA ILE B 17 10.50 9.64 7.58
C ILE B 17 10.77 9.88 9.05
N LYS B 18 11.03 8.81 9.80
CA LYS B 18 11.34 8.91 11.21
C LYS B 18 12.79 8.49 11.39
N SER B 19 13.62 9.40 11.88
CA SER B 19 15.03 9.13 12.09
C SER B 19 15.30 8.94 13.58
N ASN B 20 16.16 7.98 13.91
CA ASN B 20 16.40 7.82 15.34
C ASN B 20 17.43 8.78 15.90
N ASN B 21 18.14 9.54 15.06
CA ASN B 21 19.11 10.49 15.58
C ASN B 21 19.03 11.77 14.75
N HIS B 22 19.53 12.86 15.34
CA HIS B 22 19.60 14.14 14.64
C HIS B 22 20.75 14.16 13.65
N GLU B 23 21.79 13.36 13.90
CA GLU B 23 23.02 13.45 13.11
C GLU B 23 22.76 13.12 11.65
N ASN B 24 22.03 12.05 11.38
CA ASN B 24 21.79 11.64 10.00
C ASN B 24 20.93 12.66 9.27
N VAL B 25 20.01 13.32 10.00
CA VAL B 25 19.23 14.37 9.36
C VAL B 25 20.12 15.57 9.02
N SER B 26 21.02 15.96 9.94
CA SER B 26 21.96 17.04 9.62
CA SER B 26 21.96 17.03 9.61
C SER B 26 22.83 16.67 8.43
N LEU B 27 23.30 15.42 8.38
CA LEU B 27 24.06 14.96 7.24
C LEU B 27 23.25 15.06 5.96
N ALA B 28 22.00 14.57 6.02
CA ALA B 28 21.14 14.52 4.84
C ALA B 28 20.81 15.92 4.33
N LYS B 29 20.63 16.87 5.25
CA LYS B 29 20.29 18.24 4.85
C LYS B 29 21.44 18.88 4.10
N ALA B 30 22.69 18.58 4.49
CA ALA B 30 23.83 19.23 3.85
C ALA B 30 24.18 18.57 2.53
N LYS B 31 24.04 17.25 2.46
CA LYS B 31 24.54 16.49 1.32
C LYS B 31 23.47 16.14 0.30
N GLY B 32 22.19 16.20 0.66
CA GLY B 32 21.13 15.90 -0.30
C GLY B 32 20.96 14.42 -0.59
N VAL B 33 21.02 13.59 0.43
CA VAL B 33 20.89 12.14 0.30
C VAL B 33 20.05 11.60 1.45
N TRP B 34 19.41 10.46 1.19
CA TRP B 34 18.77 9.71 2.26
C TRP B 34 18.84 8.22 1.96
N SER B 35 18.88 7.44 3.03
CA SER B 35 18.77 5.99 2.98
C SER B 35 17.78 5.52 4.03
N THR B 36 17.04 4.46 3.70
CA THR B 36 16.07 3.89 4.62
C THR B 36 16.18 2.36 4.58
N LEU B 37 15.35 1.69 5.39
CA LEU B 37 15.36 0.23 5.44
C LEU B 37 14.78 -0.38 4.17
N PRO B 38 15.12 -1.64 3.88
CA PRO B 38 14.71 -2.27 2.62
C PRO B 38 13.22 -2.22 2.30
N VAL B 39 12.34 -2.36 3.30
CA VAL B 39 10.90 -2.33 3.03
C VAL B 39 10.49 -0.96 2.51
N ASN B 40 10.94 0.11 3.20
CA ASN B 40 10.63 1.46 2.74
C ASN B 40 11.40 1.82 1.47
N GLU B 41 12.64 1.32 1.33
CA GLU B 41 13.37 1.54 0.09
C GLU B 41 12.56 1.08 -1.12
N LYS B 42 11.96 -0.10 -1.03
CA LYS B 42 11.13 -0.61 -2.12
C LYS B 42 9.92 0.28 -2.35
N LYS B 43 9.23 0.66 -1.27
CA LYS B 43 8.06 1.52 -1.40
C LYS B 43 8.42 2.83 -2.09
N LEU B 44 9.55 3.44 -1.72
CA LEU B 44 9.91 4.73 -2.30
C LEU B 44 10.32 4.57 -3.76
N ASN B 45 10.99 3.47 -4.10
CA ASN B 45 11.34 3.23 -5.49
C ASN B 45 10.11 3.05 -6.36
N LEU B 46 9.12 2.28 -5.90
CA LEU B 46 7.86 2.17 -6.63
C LEU B 46 7.20 3.53 -6.79
N ALA B 47 7.17 4.32 -5.72
CA ALA B 47 6.50 5.62 -5.78
C ALA B 47 7.24 6.58 -6.71
N PHE B 48 8.58 6.54 -6.71
CA PHE B 48 9.33 7.45 -7.57
C PHE B 48 8.98 7.24 -9.04
N ARG B 49 8.80 5.99 -9.46
CA ARG B 49 8.48 5.72 -10.86
C ARG B 49 7.04 6.06 -11.22
N SER B 50 6.13 6.13 -10.25
CA SER B 50 4.72 6.32 -10.55
C SER B 50 4.23 7.75 -10.35
N ALA B 51 4.91 8.55 -9.54
CA ALA B 51 4.42 9.85 -9.12
C ALA B 51 5.26 10.96 -9.75
N ARG B 52 4.62 12.11 -9.98
CA ARG B 52 5.34 13.27 -10.50
C ARG B 52 6.35 13.79 -9.49
N SER B 53 6.04 13.71 -8.19
CA SER B 53 6.95 14.06 -7.11
C SER B 53 6.72 13.10 -5.96
N VAL B 54 7.80 12.70 -5.30
CA VAL B 54 7.75 11.95 -4.04
C VAL B 54 8.39 12.81 -2.97
N ILE B 55 7.64 13.12 -1.93
CA ILE B 55 8.03 14.03 -0.88
C ILE B 55 8.29 13.24 0.39
N LEU B 56 9.43 13.44 1.00
CA LEU B 56 9.76 12.87 2.30
C LEU B 56 9.66 13.97 3.33
N ILE B 57 8.91 13.72 4.40
CA ILE B 57 8.73 14.70 5.46
C ILE B 57 9.37 14.10 6.71
N PHE B 58 10.38 14.78 7.25
CA PHE B 58 11.28 14.20 8.24
C PHE B 58 10.90 14.60 9.65
N SER B 59 10.96 13.62 10.57
CA SER B 59 10.82 13.89 11.99
C SER B 59 11.78 12.99 12.78
N VAL B 60 12.67 13.58 13.56
CA VAL B 60 13.57 12.84 14.42
C VAL B 60 12.80 12.31 15.62
N ARG B 61 13.04 11.05 15.96
CA ARG B 61 12.35 10.42 17.08
C ARG B 61 12.51 11.25 18.35
N GLU B 62 11.38 11.51 19.01
CA GLU B 62 11.29 12.21 20.29
C GLU B 62 11.58 13.70 20.22
N SER B 63 11.79 14.27 19.03
CA SER B 63 12.06 15.70 18.96
C SER B 63 10.81 16.56 19.12
N GLY B 64 9.62 15.99 18.93
CA GLY B 64 8.41 16.80 18.95
C GLY B 64 8.23 17.74 17.77
N LYS B 65 8.98 17.54 16.69
CA LYS B 65 8.94 18.44 15.55
C LYS B 65 9.19 17.66 14.27
N PHE B 66 8.80 18.27 13.15
CA PHE B 66 9.33 17.89 11.85
C PHE B 66 10.53 18.78 11.57
N GLN B 67 11.55 18.21 10.93
CA GLN B 67 12.76 18.96 10.63
C GLN B 67 12.85 19.47 9.20
N GLY B 68 11.88 19.15 8.35
CA GLY B 68 11.85 19.66 7.00
C GLY B 68 11.28 18.64 6.05
N PHE B 69 11.31 18.97 4.77
CA PHE B 69 10.82 18.05 3.76
C PHE B 69 11.62 18.21 2.48
N ALA B 70 11.67 17.14 1.72
CA ALA B 70 12.51 17.06 0.55
C ALA B 70 11.82 16.24 -0.54
N ARG B 71 12.26 16.42 -1.77
CA ARG B 71 11.74 15.71 -2.92
C ARG B 71 12.77 14.73 -3.44
N LEU B 72 12.38 13.47 -3.63
CA LEU B 72 13.28 12.52 -4.28
C LEU B 72 13.64 12.98 -5.69
N SER B 73 14.94 12.95 -5.99
CA SER B 73 15.38 13.23 -7.35
C SER B 73 15.89 11.98 -8.06
N SER B 74 16.00 10.85 -7.34
CA SER B 74 16.45 9.61 -7.95
C SER B 74 15.84 8.43 -7.20
N GLU B 75 15.77 7.30 -7.89
CA GLU B 75 15.60 6.02 -7.23
C GLU B 75 16.83 5.73 -6.38
N SER B 76 16.71 4.75 -5.48
CA SER B 76 17.86 4.37 -4.68
C SER B 76 18.92 3.75 -5.58
N HIS B 77 20.18 4.02 -5.26
CA HIS B 77 21.30 3.53 -6.06
C HIS B 77 22.33 2.93 -5.12
N HIS B 78 22.82 1.75 -5.47
CA HIS B 78 23.88 1.09 -4.71
C HIS B 78 25.22 1.28 -5.41
N GLY B 79 26.29 1.14 -4.63
CA GLY B 79 27.62 1.21 -5.17
C GLY B 79 28.22 2.59 -5.30
N GLY B 80 27.47 3.64 -4.99
CA GLY B 80 28.02 4.97 -5.03
C GLY B 80 28.99 5.21 -3.89
N SER B 81 29.42 6.47 -3.78
CA SER B 81 30.35 6.85 -2.73
C SER B 81 29.71 6.60 -1.37
N PRO B 82 30.40 5.96 -0.43
CA PRO B 82 29.77 5.54 0.83
C PRO B 82 29.36 6.74 1.67
N ILE B 83 28.08 6.83 1.97
CA ILE B 83 27.61 7.75 2.99
C ILE B 83 27.88 7.12 4.35
N HIS B 84 28.55 7.84 5.22
CA HIS B 84 28.87 7.33 6.55
C HIS B 84 27.81 7.78 7.56
N TRP B 85 26.64 7.18 7.42
CA TRP B 85 25.57 7.43 8.39
C TRP B 85 26.06 7.07 9.78
N VAL B 86 25.51 7.76 10.78
CA VAL B 86 25.67 7.32 12.17
C VAL B 86 24.64 6.22 12.37
N LEU B 87 25.13 4.99 12.62
CA LEU B 87 24.25 3.82 12.66
C LEU B 87 23.72 3.60 14.08
N PRO B 88 22.40 3.55 14.27
CA PRO B 88 21.87 3.11 15.56
C PRO B 88 22.16 1.64 15.79
N ALA B 89 22.04 1.23 17.05
CA ALA B 89 22.31 -0.16 17.41
C ALA B 89 21.36 -1.09 16.66
N GLY B 90 21.91 -2.21 16.21
CA GLY B 90 21.15 -3.14 15.39
C GLY B 90 21.10 -2.82 13.92
N MET B 91 21.89 -1.85 13.45
CA MET B 91 21.96 -1.51 12.04
C MET B 91 23.38 -1.62 11.52
N SER B 92 23.52 -2.25 10.36
CA SER B 92 24.76 -2.24 9.61
C SER B 92 24.59 -1.35 8.38
N ALA B 93 25.73 -0.98 7.79
CA ALA B 93 25.69 -0.16 6.58
C ALA B 93 24.89 -0.83 5.48
N LYS B 94 24.95 -2.16 5.40
CA LYS B 94 24.26 -2.90 4.34
C LYS B 94 22.75 -2.67 4.39
N MET B 95 22.18 -2.56 5.59
CA MET B 95 20.75 -2.31 5.72
C MET B 95 20.35 -0.89 5.30
N LEU B 96 21.30 -0.02 4.98
CA LEU B 96 21.00 1.31 4.47
C LEU B 96 21.71 1.53 3.14
N GLY B 97 22.01 0.45 2.41
CA GLY B 97 22.90 0.54 1.27
C GLY B 97 22.36 1.38 0.11
N GLY B 98 21.04 1.40 -0.06
CA GLY B 98 20.47 2.20 -1.14
C GLY B 98 20.52 3.67 -0.78
N VAL B 99 21.00 4.50 -1.71
CA VAL B 99 21.11 5.93 -1.49
C VAL B 99 20.20 6.66 -2.46
N PHE B 100 19.23 7.39 -1.92
CA PHE B 100 18.38 8.28 -2.70
C PHE B 100 19.00 9.66 -2.71
N LYS B 101 19.01 10.29 -3.88
CA LYS B 101 19.32 11.71 -3.97
C LYS B 101 18.03 12.48 -3.73
N ILE B 102 18.12 13.54 -2.92
CA ILE B 102 16.95 14.31 -2.55
C ILE B 102 17.29 15.79 -2.68
N ASP B 103 16.29 16.59 -3.02
CA ASP B 103 16.40 18.04 -3.06
C ASP B 103 15.53 18.59 -1.95
N TRP B 104 16.14 19.23 -0.97
CA TRP B 104 15.37 19.80 0.12
C TRP B 104 14.51 20.96 -0.36
N ILE B 105 13.28 21.00 0.15
CA ILE B 105 12.36 22.10 -0.13
CA ILE B 105 12.35 22.09 -0.11
C ILE B 105 12.28 23.04 1.08
N CYS B 106 12.38 22.48 2.28
CA CYS B 106 12.40 23.29 3.48
C CYS B 106 13.26 22.55 4.49
N ARG B 107 14.20 23.24 5.10
CA ARG B 107 15.05 22.62 6.10
C ARG B 107 14.76 23.23 7.47
N ARG B 108 13.67 23.98 7.59
CA ARG B 108 13.28 24.60 8.84
C ARG B 108 12.30 23.71 9.61
N GLU B 109 12.31 23.87 10.92
CA GLU B 109 11.52 23.01 11.78
C GLU B 109 10.06 23.42 11.79
N LEU B 110 9.19 22.45 11.99
CA LEU B 110 7.77 22.69 12.23
C LEU B 110 7.37 21.92 13.48
N PRO B 111 7.05 22.60 14.58
CA PRO B 111 6.60 21.88 15.79
C PRO B 111 5.29 21.15 15.55
N PHE B 112 5.18 19.97 16.16
CA PHE B 112 3.94 19.21 16.10
C PHE B 112 2.74 20.04 16.52
N THR B 113 2.96 21.05 17.37
CA THR B 113 1.87 21.89 17.83
C THR B 113 1.23 22.69 16.69
N LYS B 114 1.95 22.89 15.60
CA LYS B 114 1.41 23.62 14.47
C LYS B 114 0.68 22.73 13.46
N SER B 115 0.76 21.42 13.61
CA SER B 115 0.11 20.47 12.71
C SER B 115 -1.00 19.70 13.41
N ALA B 116 -1.39 20.12 14.61
CA ALA B 116 -2.31 19.33 15.43
C ALA B 116 -3.68 19.19 14.78
N HIS B 117 -4.05 20.09 13.88
CA HIS B 117 -5.35 20.06 13.23
C HIS B 117 -5.39 19.16 11.99
N LEU B 118 -4.27 18.55 11.59
CA LEU B 118 -4.21 17.75 10.38
C LEU B 118 -4.17 16.27 10.72
N THR B 119 -5.02 15.48 10.06
CA THR B 119 -5.12 14.05 10.28
C THR B 119 -4.95 13.33 8.95
N ASN B 120 -4.32 12.16 9.00
CA ASN B 120 -4.01 11.37 7.82
C ASN B 120 -5.05 10.28 7.63
N PRO B 121 -5.89 10.35 6.59
CA PRO B 121 -6.89 9.28 6.39
CA PRO B 121 -6.89 9.29 6.40
C PRO B 121 -6.30 7.91 6.16
N TRP B 122 -5.08 7.83 5.60
CA TRP B 122 -4.42 6.55 5.37
C TRP B 122 -3.69 6.04 6.61
N ASN B 123 -3.85 6.71 7.76
CA ASN B 123 -3.44 6.17 9.04
C ASN B 123 -4.55 6.36 10.05
N GLU B 124 -5.74 5.88 9.67
CA GLU B 124 -6.89 5.79 10.58
C GLU B 124 -7.33 7.16 11.09
N HIS B 125 -7.06 8.21 10.30
CA HIS B 125 -7.51 9.56 10.60
C HIS B 125 -6.84 10.11 11.86
N LYS B 126 -5.67 9.57 12.20
CA LYS B 126 -4.87 9.99 13.34
C LYS B 126 -4.08 11.25 12.98
N PRO B 127 -3.71 12.06 13.98
CA PRO B 127 -2.92 13.27 13.70
C PRO B 127 -1.66 12.91 12.93
N VAL B 128 -1.28 13.79 12.00
CA VAL B 128 -0.28 13.44 11.00
C VAL B 128 1.09 13.23 11.63
N LYS B 129 1.36 13.85 12.78
CA LYS B 129 2.60 13.59 13.49
C LYS B 129 2.73 12.13 13.92
N ILE B 130 1.63 11.38 13.99
CA ILE B 130 1.65 10.01 14.47
C ILE B 130 1.91 9.09 13.28
N GLY B 131 2.95 8.27 13.37
CA GLY B 131 3.24 7.36 12.28
C GLY B 131 4.60 6.73 12.36
N ARG B 132 4.75 5.55 11.77
CA ARG B 132 6.02 4.87 11.68
C ARG B 132 6.84 5.39 10.51
N ASP B 133 8.15 5.09 10.54
CA ASP B 133 9.02 5.41 9.43
C ASP B 133 8.45 4.83 8.15
N GLY B 134 8.26 5.68 7.15
CA GLY B 134 7.70 5.26 5.88
C GLY B 134 6.19 5.34 5.75
N GLN B 135 5.47 5.77 6.79
CA GLN B 135 4.02 5.86 6.69
C GLN B 135 3.62 6.78 5.55
N GLU B 136 2.78 6.30 4.63
CA GLU B 136 2.37 7.16 3.53
C GLU B 136 1.27 8.11 3.99
N ILE B 137 1.33 9.35 3.51
CA ILE B 137 0.37 10.38 3.90
C ILE B 137 -0.48 10.72 2.67
N GLU B 138 -1.79 10.71 2.84
CA GLU B 138 -2.70 11.03 1.75
C GLU B 138 -2.44 12.44 1.19
N LEU B 139 -2.72 12.60 -0.11
CA LEU B 139 -2.32 13.78 -0.88
C LEU B 139 -2.70 15.10 -0.21
N GLU B 140 -3.97 15.26 0.15
CA GLU B 140 -4.36 16.57 0.67
C GLU B 140 -3.78 16.82 2.05
N CYS B 141 -3.70 15.79 2.90
CA CYS B 141 -3.04 15.95 4.18
C CYS B 141 -1.57 16.32 4.01
N GLY B 142 -0.87 15.60 3.14
CA GLY B 142 0.54 15.87 2.95
C GLY B 142 0.75 17.25 2.37
N THR B 143 -0.11 17.65 1.43
CA THR B 143 -0.02 18.99 0.85
C THR B 143 -0.18 20.05 1.93
N GLN B 144 -1.21 19.93 2.76
CA GLN B 144 -1.42 20.95 3.78
C GLN B 144 -0.30 20.96 4.81
N LEU B 145 0.23 19.77 5.15
CA LEU B 145 1.35 19.71 6.08
C LEU B 145 2.56 20.47 5.53
N CYS B 146 2.92 20.23 4.27
CA CYS B 146 4.06 20.92 3.69
C CYS B 146 3.85 22.43 3.67
N LEU B 147 2.60 22.87 3.45
CA LEU B 147 2.34 24.30 3.35
C LEU B 147 2.45 24.99 4.71
N LEU B 148 2.41 24.22 5.80
CA LEU B 148 2.58 24.77 7.14
C LEU B 148 3.99 25.24 7.41
N PHE B 149 4.99 24.66 6.75
CA PHE B 149 6.38 24.97 7.07
C PHE B 149 6.68 26.43 6.68
N PRO B 150 7.55 27.11 7.44
CA PRO B 150 7.91 28.48 7.08
C PRO B 150 8.77 28.51 5.83
N PRO B 151 8.79 29.63 5.11
CA PRO B 151 9.66 29.74 3.94
C PRO B 151 11.12 29.58 4.34
N ASP B 152 11.88 28.90 3.49
CA ASP B 152 13.29 28.68 3.73
C ASP B 152 14.11 29.48 2.72
N GLU B 153 14.79 30.51 3.22
CA GLU B 153 15.56 31.42 2.39
C GLU B 153 16.86 30.82 1.89
N SER B 154 17.29 29.68 2.43
CA SER B 154 18.48 28.99 1.94
C SER B 154 18.18 28.12 0.74
N ILE B 155 16.92 28.00 0.34
CA ILE B 155 16.48 27.05 -0.67
C ILE B 155 16.00 27.82 -1.90
N ASP B 156 16.39 27.35 -3.08
CA ASP B 156 15.94 27.87 -4.36
C ASP B 156 15.17 26.73 -5.03
N LEU B 157 13.85 26.91 -5.21
CA LEU B 157 13.05 25.88 -5.88
C LEU B 157 13.38 25.70 -7.35
N TYR B 158 14.24 26.53 -7.92
CA TYR B 158 14.41 26.53 -9.36
C TYR B 158 14.90 25.18 -9.87
N GLN B 159 15.91 24.60 -9.20
CA GLN B 159 16.46 23.32 -9.65
C GLN B 159 15.40 22.22 -9.66
N VAL B 160 14.52 22.22 -8.67
CA VAL B 160 13.49 21.18 -8.60
C VAL B 160 12.53 21.29 -9.78
N ILE B 161 12.17 22.52 -10.14
CA ILE B 161 11.13 22.72 -11.14
C ILE B 161 11.53 22.21 -12.54
N HIS B 162 12.83 22.15 -12.85
CA HIS B 162 13.22 21.51 -14.12
C HIS B 162 13.28 20.00 -14.02
N LYS B 163 13.72 19.50 -12.87
CA LYS B 163 13.74 18.07 -12.64
C LYS B 163 12.37 17.45 -12.84
N MET B 164 11.32 18.26 -12.76
CA MET B 164 9.96 17.82 -13.04
C MET B 164 9.63 18.07 -14.50
C10 IYQ C . -15.43 -24.47 -7.66
C13 IYQ C . -17.16 -27.20 -10.11
C15 IYQ C . -18.97 -26.29 -8.37
C20 IYQ C . -15.85 -22.16 -8.55
C02 IYQ C . -12.28 -23.98 -10.98
C04 IYQ C . -13.32 -21.74 -11.23
C06 IYQ C . -12.38 -20.07 -12.88
C07 IYQ C . -14.30 -22.07 -10.08
C08 IYQ C . -14.24 -23.28 -9.48
C11 IYQ C . -16.47 -25.40 -8.32
C12 IYQ C . -16.10 -26.29 -9.49
C14 IYQ C . -18.60 -27.20 -9.55
C16 IYQ C . -20.39 -26.28 -7.77
C19 IYQ C . -17.90 -25.41 -7.76
N03 IYQ C . -12.34 -22.69 -11.62
N05 IYQ C . -13.39 -20.45 -11.88
N09 IYQ C . -15.18 -23.33 -8.54
N17 IYQ C . -20.77 -25.23 -6.82
N21 IYQ C . -15.31 -21.38 -9.51
N22 IYQ C . -13.21 -24.29 -9.89
O18 IYQ C . -21.18 -27.13 -8.03
CL01 IYQ C . -11.07 -25.19 -11.45
S SO4 D . 1.98 2.09 4.50
O1 SO4 D . 2.15 3.51 4.19
O2 SO4 D . 0.85 1.58 3.74
O3 SO4 D . 1.73 1.88 5.93
O4 SO4 D . 3.18 1.30 4.17
S SO4 E . -23.79 -16.37 2.79
O1 SO4 E . -24.87 -15.68 2.10
O2 SO4 E . -22.55 -16.28 2.00
O3 SO4 E . -24.15 -17.77 3.03
O4 SO4 E . -23.57 -15.71 4.08
S SO4 F . -12.47 -31.81 -10.85
O1 SO4 F . -13.81 -31.74 -10.27
O2 SO4 F . -12.55 -32.17 -12.26
O3 SO4 F . -11.82 -30.50 -10.73
O4 SO4 F . -11.67 -32.80 -10.14
S SO4 G . -21.95 -7.51 -20.36
O1 SO4 G . -20.76 -7.91 -21.12
O2 SO4 G . -23.04 -7.19 -21.29
O3 SO4 G . -21.61 -6.34 -19.55
O4 SO4 G . -22.36 -8.61 -19.49
S SO4 H . -18.44 -25.62 -4.11
O1 SO4 H . -19.26 -24.62 -4.79
O2 SO4 H . -19.28 -26.76 -3.74
O3 SO4 H . -17.82 -25.05 -2.92
O4 SO4 H . -17.37 -26.08 -4.98
C10 IYQ I . 14.46 4.61 11.65
C13 IYQ I . 16.06 1.24 13.26
C15 IYQ I . 13.61 0.74 12.44
C20 IYQ I . 14.95 4.67 9.18
C02 IYQ I . 18.48 6.73 11.38
C04 IYQ I . 18.21 6.40 8.95
C06 IYQ I . 19.96 7.13 7.33
C07 IYQ I . 16.88 5.69 9.22
C08 IYQ I . 16.43 5.56 10.49
C11 IYQ I . 14.62 3.15 12.13
C12 IYQ I . 15.92 2.67 12.77
C14 IYQ I . 14.90 0.25 13.10
C16 IYQ I . 12.44 -0.24 12.29
C19 IYQ I . 13.46 2.18 11.97
N03 IYQ I . 18.98 6.88 10.04
N05 IYQ I . 18.67 6.50 7.60
N09 IYQ I . 15.26 4.92 10.46
N17 IYQ I . 11.81 -0.42 10.98
N21 IYQ I . 15.95 5.14 8.40
N22 IYQ I . 17.21 6.08 11.65
O18 IYQ I . 12.04 -0.84 13.24
CL01 IYQ I . 19.38 7.33 12.77
S SO4 J . 14.78 26.83 12.01
O1 SO4 J . 13.56 27.54 11.67
O2 SO4 J . 15.79 26.98 10.95
O3 SO4 J . 14.48 25.41 12.16
O4 SO4 J . 15.32 27.36 13.24
S SO4 K . 10.01 2.75 12.92
O1 SO4 K . 8.77 3.44 12.64
O2 SO4 K . 10.30 1.80 11.85
O3 SO4 K . 11.08 3.74 13.00
O4 SO4 K . 9.90 2.04 14.20
S SO4 L . 21.12 -0.04 -8.43
O1 SO4 L . 19.81 -0.43 -7.93
O2 SO4 L . 21.31 -0.61 -9.75
O3 SO4 L . 22.15 -0.50 -7.51
O4 SO4 L . 21.20 1.43 -8.54
#